data_8V77
#
_entry.id   8V77
#
_cell.length_a   77.815
_cell.length_b   77.815
_cell.length_c   85.303
_cell.angle_alpha   90.00
_cell.angle_beta   90.00
_cell.angle_gamma   90.00
#
_symmetry.space_group_name_H-M   'P 42 21 2'
#
loop_
_entity.id
_entity.type
_entity.pdbx_description
1 polymer 'Inositol polyphosphate multikinase'
2 non-polymer (3P,5P)-3-{3-[(piperidin-4-yl)oxy]phenyl}-5-(2H-tetrazol-5-yl)-2,1-benzoxazole
3 water water
#
_entity_poly.entity_id   1
_entity_poly.type   'polypeptide(L)'
_entity_poly.pdbx_seq_one_letter_code
;GSFTSHQVAGHMYGKDKVGILQHPDGTVLKQLQPPPRGPRELEFYNMVYAADCFDGVLLELRKYLPKYYGIWSPPTAPND
LYLKLEDVTHKFNKPCIMDVKIGQKSYDPFASSEKIQQQVSKYPLMEEIGFLVLGMRVYHVHSDSYETENQHYGRSLTKE
TIKDGVSRFFHNGYCLRKDAVAASIQKIEKILQWFENQKQLNFYASSLLFVYEGSSQGGSGGEVEVRMIDFAHVFPSNTI
DEGYVYGLKHLISVLRSILDN
;
_entity_poly.pdbx_strand_id   A
#
loop_
_chem_comp.id
_chem_comp.type
_chem_comp.name
_chem_comp.formula
YJ3 non-polymer (3P,5P)-3-{3-[(piperidin-4-yl)oxy]phenyl}-5-(2H-tetrazol-5-yl)-2,1-benzoxazole 'C19 H18 N6 O2'
#
# COMPACT_ATOMS: atom_id res chain seq x y z
N ILE A 20 -6.53 1.20 -11.96
CA ILE A 20 -7.63 1.49 -11.00
C ILE A 20 -8.67 2.39 -11.67
N LEU A 21 -9.90 1.89 -11.78
CA LEU A 21 -11.03 2.66 -12.26
C LEU A 21 -11.93 3.00 -11.08
N GLN A 22 -12.10 4.31 -10.83
CA GLN A 22 -12.83 4.80 -9.68
C GLN A 22 -14.32 4.87 -10.04
N HIS A 23 -15.15 4.19 -9.23
CA HIS A 23 -16.57 4.01 -9.54
C HIS A 23 -17.39 4.88 -8.59
N PRO A 24 -18.40 5.63 -9.09
CA PRO A 24 -19.23 6.48 -8.23
C PRO A 24 -19.88 5.83 -7.00
N ASP A 25 -20.05 4.50 -7.05
CA ASP A 25 -20.72 3.75 -5.99
C ASP A 25 -19.78 3.46 -4.82
N GLY A 26 -18.57 4.02 -4.85
CA GLY A 26 -17.63 3.90 -3.75
C GLY A 26 -16.74 2.65 -3.86
N THR A 27 -16.71 2.06 -5.06
CA THR A 27 -15.79 0.96 -5.34
C THR A 27 -14.78 1.40 -6.37
N VAL A 28 -13.69 0.62 -6.46
CA VAL A 28 -12.78 0.68 -7.59
C VAL A 28 -12.84 -0.67 -8.30
N LEU A 29 -12.59 -0.66 -9.61
CA LEU A 29 -12.39 -1.86 -10.37
C LEU A 29 -10.90 -1.93 -10.73
N LYS A 30 -10.23 -2.98 -10.25
CA LYS A 30 -8.85 -3.22 -10.65
C LYS A 30 -8.82 -4.35 -11.68
N GLN A 31 -8.36 -4.01 -12.88
CA GLN A 31 -8.19 -4.99 -13.94
C GLN A 31 -7.07 -5.95 -13.54
N LEU A 32 -7.34 -7.26 -13.65
CA LEU A 32 -6.30 -8.25 -13.39
C LEU A 32 -5.11 -7.99 -14.30
N GLN A 33 -3.91 -7.97 -13.70
CA GLN A 33 -2.66 -7.90 -14.44
C GLN A 33 -2.51 -9.17 -15.28
N PRO A 34 -1.62 -9.18 -16.30
CA PRO A 34 -1.38 -10.37 -17.10
C PRO A 34 -0.92 -11.54 -16.22
N PRO A 35 -1.10 -12.80 -16.68
CA PRO A 35 -0.67 -13.96 -15.90
C PRO A 35 0.85 -13.93 -15.73
N PRO A 36 1.40 -14.42 -14.60
CA PRO A 36 0.61 -15.02 -13.51
C PRO A 36 0.07 -14.08 -12.45
N ARG A 37 0.37 -12.78 -12.56
CA ARG A 37 0.18 -11.84 -11.46
C ARG A 37 -1.31 -11.62 -11.17
N GLY A 38 -2.09 -11.27 -12.19
CA GLY A 38 -3.52 -11.03 -12.00
C GLY A 38 -4.21 -12.22 -11.34
N PRO A 39 -4.10 -13.44 -11.92
CA PRO A 39 -4.65 -14.64 -11.29
C PRO A 39 -4.26 -14.85 -9.83
N ARG A 40 -3.00 -14.55 -9.49
CA ARG A 40 -2.50 -14.72 -8.13
C ARG A 40 -3.21 -13.75 -7.19
N GLU A 41 -3.46 -12.53 -7.64
CA GLU A 41 -4.15 -11.53 -6.82
C GLU A 41 -5.62 -11.92 -6.63
N LEU A 42 -6.27 -12.46 -7.67
CA LEU A 42 -7.62 -12.99 -7.53
C LEU A 42 -7.64 -14.10 -6.48
N GLU A 43 -6.71 -15.05 -6.56
CA GLU A 43 -6.72 -16.17 -5.63
C GLU A 43 -6.48 -15.67 -4.21
N PHE A 44 -5.65 -14.64 -4.06
CA PHE A 44 -5.37 -14.08 -2.75
C PHE A 44 -6.67 -13.56 -2.12
N TYR A 45 -7.40 -12.71 -2.84
CA TYR A 45 -8.65 -12.16 -2.34
C TYR A 45 -9.64 -13.29 -2.06
N ASN A 46 -9.71 -14.27 -2.98
CA ASN A 46 -10.64 -15.39 -2.84
C ASN A 46 -10.32 -16.20 -1.58
N MET A 47 -9.04 -16.44 -1.30
CA MET A 47 -8.64 -17.19 -0.12
C MET A 47 -9.02 -16.43 1.14
N VAL A 48 -8.73 -15.12 1.16
CA VAL A 48 -8.91 -14.30 2.35
C VAL A 48 -10.40 -14.20 2.68
N TYR A 49 -11.21 -13.89 1.66
CA TYR A 49 -12.63 -13.60 1.86
C TYR A 49 -13.46 -14.86 1.64
N ALA A 50 -12.82 -16.03 1.66
CA ALA A 50 -13.53 -17.31 1.60
C ALA A 50 -14.61 -17.32 2.67
N ALA A 51 -15.86 -17.56 2.25
CA ALA A 51 -17.02 -17.40 3.12
C ALA A 51 -17.13 -18.55 4.11
N ASP A 52 -16.29 -19.59 3.93
CA ASP A 52 -16.23 -20.71 4.85
C ASP A 52 -15.00 -20.59 5.76
N CYS A 53 -14.22 -19.52 5.58
CA CYS A 53 -12.96 -19.35 6.30
C CYS A 53 -13.21 -18.96 7.76
N PHE A 54 -12.71 -19.80 8.68
CA PHE A 54 -12.69 -19.47 10.10
C PHE A 54 -11.24 -19.40 10.59
N ASP A 55 -10.30 -19.19 9.65
CA ASP A 55 -8.91 -18.97 9.99
C ASP A 55 -8.77 -17.59 10.65
N GLY A 56 -8.38 -17.59 11.93
CA GLY A 56 -8.30 -16.37 12.72
C GLY A 56 -7.36 -15.33 12.12
N VAL A 57 -6.27 -15.78 11.50
CA VAL A 57 -5.29 -14.88 10.90
C VAL A 57 -5.92 -14.17 9.71
N LEU A 58 -6.64 -14.91 8.86
CA LEU A 58 -7.20 -14.35 7.64
C LEU A 58 -8.41 -13.48 7.96
N LEU A 59 -9.15 -13.80 9.02
CA LEU A 59 -10.30 -13.01 9.44
C LEU A 59 -9.85 -11.63 9.94
N GLU A 60 -8.73 -11.59 10.68
CA GLU A 60 -8.21 -10.32 11.16
C GLU A 60 -7.66 -9.50 9.99
N LEU A 61 -7.06 -10.17 9.00
CA LEU A 61 -6.42 -9.50 7.88
C LEU A 61 -7.43 -8.68 7.07
N ARG A 62 -8.68 -9.16 7.00
CA ARG A 62 -9.73 -8.51 6.21
C ARG A 62 -9.87 -7.03 6.58
N LYS A 63 -9.72 -6.70 7.87
CA LYS A 63 -9.83 -5.33 8.35
C LYS A 63 -8.89 -4.39 7.58
N TYR A 64 -7.71 -4.89 7.21
CA TYR A 64 -6.62 -4.07 6.72
C TYR A 64 -6.59 -4.01 5.20
N LEU A 65 -7.43 -4.82 4.56
CA LEU A 65 -7.56 -4.87 3.11
C LEU A 65 -8.73 -3.99 2.69
N PRO A 66 -8.84 -3.60 1.40
CA PRO A 66 -10.10 -3.09 0.87
C PRO A 66 -11.13 -4.21 1.00
N LYS A 67 -12.38 -3.85 1.29
CA LYS A 67 -13.46 -4.82 1.18
C LYS A 67 -13.47 -5.35 -0.24
N TYR A 68 -13.79 -6.65 -0.35
CA TYR A 68 -13.73 -7.37 -1.60
C TYR A 68 -15.15 -7.76 -1.99
N TYR A 69 -15.54 -7.43 -3.22
CA TYR A 69 -16.88 -7.67 -3.73
C TYR A 69 -16.85 -8.75 -4.80
N GLY A 70 -15.74 -9.48 -4.87
CA GLY A 70 -15.63 -10.61 -5.78
C GLY A 70 -15.15 -10.19 -7.17
N ILE A 71 -14.97 -11.20 -8.02
CA ILE A 71 -14.56 -10.98 -9.41
C ILE A 71 -15.70 -10.27 -10.13
N TRP A 72 -15.34 -9.40 -11.07
CA TRP A 72 -16.32 -8.71 -11.88
C TRP A 72 -15.84 -8.65 -13.33
N SER A 73 -16.78 -8.88 -14.26
N SER A 73 -16.78 -8.86 -14.27
CA SER A 73 -16.56 -8.71 -15.69
CA SER A 73 -16.51 -8.67 -15.69
C SER A 73 -17.68 -7.84 -16.26
C SER A 73 -17.68 -7.94 -16.33
N PRO A 74 -17.46 -7.11 -17.37
CA PRO A 74 -18.55 -6.45 -18.07
C PRO A 74 -19.58 -7.47 -18.56
N PRO A 75 -20.90 -7.16 -18.48
CA PRO A 75 -21.95 -8.05 -18.98
C PRO A 75 -21.69 -8.68 -20.35
N THR A 76 -21.03 -7.92 -21.25
CA THR A 76 -20.83 -8.35 -22.63
C THR A 76 -19.39 -8.83 -22.86
N ALA A 77 -18.59 -8.96 -21.80
CA ALA A 77 -17.17 -9.25 -21.96
C ALA A 77 -16.65 -10.06 -20.78
N PRO A 78 -17.00 -11.38 -20.68
CA PRO A 78 -16.51 -12.23 -19.60
C PRO A 78 -15.02 -12.52 -19.62
N ASN A 79 -14.37 -12.23 -20.76
CA ASN A 79 -12.91 -12.28 -20.88
C ASN A 79 -12.24 -11.23 -19.99
N ASP A 80 -12.93 -10.11 -19.73
CA ASP A 80 -12.31 -8.93 -19.17
C ASP A 80 -12.46 -8.92 -17.66
N LEU A 81 -11.42 -9.39 -16.95
CA LEU A 81 -11.51 -9.71 -15.53
C LEU A 81 -11.06 -8.53 -14.67
N TYR A 82 -11.90 -8.19 -13.69
CA TYR A 82 -11.56 -7.17 -12.70
C TYR A 82 -11.80 -7.70 -11.29
N LEU A 83 -11.13 -7.07 -10.32
CA LEU A 83 -11.51 -7.18 -8.93
C LEU A 83 -12.34 -5.95 -8.57
N LYS A 84 -13.50 -6.19 -7.95
CA LYS A 84 -14.32 -5.12 -7.43
C LYS A 84 -13.94 -4.92 -5.97
N LEU A 85 -13.32 -3.76 -5.69
CA LEU A 85 -12.75 -3.47 -4.38
C LEU A 85 -13.37 -2.18 -3.84
N GLU A 86 -13.42 -2.10 -2.51
CA GLU A 86 -13.70 -0.86 -1.81
C GLU A 86 -12.76 0.24 -2.28
N ASP A 87 -13.33 1.41 -2.60
CA ASP A 87 -12.54 2.61 -2.79
C ASP A 87 -12.26 3.21 -1.42
N VAL A 88 -10.99 3.08 -0.99
CA VAL A 88 -10.56 3.44 0.35
C VAL A 88 -10.59 4.95 0.52
N THR A 89 -10.66 5.71 -0.58
CA THR A 89 -10.67 7.16 -0.55
C THR A 89 -12.10 7.72 -0.50
N HIS A 90 -13.11 6.84 -0.61
CA HIS A 90 -14.47 7.26 -0.90
C HIS A 90 -15.02 8.25 0.12
N LYS A 91 -14.77 8.03 1.42
CA LYS A 91 -15.43 8.80 2.45
C LYS A 91 -14.71 10.14 2.71
N PHE A 92 -13.69 10.46 1.91
CA PHE A 92 -12.98 11.74 2.06
C PHE A 92 -13.52 12.78 1.09
N ASN A 93 -13.41 14.05 1.48
CA ASN A 93 -13.82 15.17 0.67
C ASN A 93 -12.70 15.52 -0.33
N LYS A 94 -11.53 15.86 0.21
CA LYS A 94 -10.34 16.11 -0.58
C LYS A 94 -9.24 15.14 -0.14
N PRO A 95 -9.30 13.86 -0.57
CA PRO A 95 -8.31 12.88 -0.12
C PRO A 95 -6.89 13.22 -0.54
N CYS A 96 -5.98 13.13 0.42
CA CYS A 96 -4.55 13.10 0.16
C CYS A 96 -4.12 11.63 0.20
N ILE A 97 -3.50 11.17 -0.89
CA ILE A 97 -3.29 9.75 -1.12
C ILE A 97 -1.80 9.51 -1.35
N MET A 98 -1.25 8.50 -0.67
CA MET A 98 0.11 8.08 -0.91
C MET A 98 0.18 6.55 -0.89
N ASP A 99 0.84 6.02 -1.93
CA ASP A 99 1.05 4.60 -2.13
C ASP A 99 2.50 4.31 -1.78
N VAL A 100 2.73 3.39 -0.84
CA VAL A 100 4.09 3.01 -0.43
C VAL A 100 4.26 1.50 -0.54
N LYS A 101 5.20 1.08 -1.41
CA LYS A 101 5.56 -0.32 -1.54
C LYS A 101 6.38 -0.72 -0.31
N ILE A 102 6.05 -1.86 0.28
CA ILE A 102 6.65 -2.31 1.53
C ILE A 102 7.52 -3.55 1.29
N GLY A 103 8.69 -3.57 1.92
CA GLY A 103 9.52 -4.77 1.96
C GLY A 103 10.96 -4.47 1.56
N GLN A 104 11.84 -5.45 1.78
CA GLN A 104 13.23 -5.36 1.39
C GLN A 104 13.43 -5.87 -0.03
N LYS A 105 12.52 -6.76 -0.48
CA LYS A 105 12.57 -7.35 -1.81
C LYS A 105 11.22 -7.16 -2.49
N SER A 106 11.24 -6.65 -3.73
CA SER A 106 10.04 -6.53 -4.54
C SER A 106 9.98 -7.62 -5.61
N TYR A 107 10.96 -8.52 -5.60
CA TYR A 107 10.88 -9.75 -6.37
C TYR A 107 10.44 -10.86 -5.42
N ASP A 108 9.85 -11.93 -5.98
CA ASP A 108 9.27 -12.98 -5.18
C ASP A 108 10.19 -14.21 -5.20
N PRO A 109 9.87 -15.27 -4.42
CA PRO A 109 10.76 -16.42 -4.29
C PRO A 109 11.02 -17.20 -5.57
N PHE A 110 10.22 -16.97 -6.61
CA PHE A 110 10.28 -17.78 -7.83
C PHE A 110 10.75 -16.93 -9.01
N ALA A 111 11.39 -15.79 -8.72
CA ALA A 111 11.89 -14.90 -9.76
C ALA A 111 13.20 -15.45 -10.33
N SER A 112 13.40 -15.24 -11.64
CA SER A 112 14.63 -15.58 -12.32
C SER A 112 15.71 -14.54 -11.98
N SER A 113 16.97 -14.87 -12.31
CA SER A 113 18.09 -13.97 -12.10
C SER A 113 17.82 -12.62 -12.78
N GLU A 114 17.30 -12.68 -14.01
CA GLU A 114 17.00 -11.49 -14.79
C GLU A 114 15.91 -10.67 -14.09
N LYS A 115 14.88 -11.37 -13.60
CA LYS A 115 13.75 -10.73 -12.93
C LYS A 115 14.21 -10.05 -11.65
N ILE A 116 15.08 -10.73 -10.89
CA ILE A 116 15.63 -10.15 -9.67
C ILE A 116 16.39 -8.87 -10.01
N GLN A 117 17.24 -8.93 -11.03
CA GLN A 117 18.01 -7.78 -11.47
C GLN A 117 17.09 -6.65 -11.89
N GLN A 118 16.04 -6.97 -12.64
CA GLN A 118 15.06 -5.98 -13.07
C GLN A 118 14.48 -5.29 -11.83
N GLN A 119 14.04 -6.08 -10.85
CA GLN A 119 13.33 -5.55 -9.69
C GLN A 119 14.28 -4.72 -8.82
N VAL A 120 15.50 -5.20 -8.59
CA VAL A 120 16.43 -4.50 -7.72
C VAL A 120 16.88 -3.20 -8.40
N SER A 121 17.02 -3.22 -9.74
CA SER A 121 17.49 -2.05 -10.47
C SER A 121 16.44 -0.94 -10.48
N LYS A 122 15.15 -1.30 -10.38
CA LYS A 122 14.07 -0.32 -10.33
C LYS A 122 14.26 0.60 -9.12
N TYR A 123 14.73 0.02 -8.01
CA TYR A 123 15.07 0.77 -6.82
C TYR A 123 16.05 -0.04 -5.97
N PRO A 124 17.38 0.14 -6.17
CA PRO A 124 18.37 -0.68 -5.49
C PRO A 124 18.51 -0.42 -3.98
N LEU A 125 17.78 0.57 -3.46
CA LEU A 125 17.82 0.91 -2.05
C LEU A 125 16.73 0.20 -1.25
N MET A 126 16.02 -0.76 -1.88
CA MET A 126 14.87 -1.37 -1.26
C MET A 126 15.29 -2.16 -0.01
N GLU A 127 16.44 -2.85 -0.10
CA GLU A 127 16.92 -3.69 0.99
C GLU A 127 17.26 -2.82 2.20
N GLU A 128 17.92 -1.68 1.95
CA GLU A 128 18.42 -0.79 3.00
C GLU A 128 17.26 -0.07 3.69
N ILE A 129 16.28 0.43 2.92
CA ILE A 129 15.25 1.29 3.48
C ILE A 129 14.00 0.48 3.82
N GLY A 130 13.62 -0.46 2.96
CA GLY A 130 12.54 -1.38 3.25
C GLY A 130 11.18 -0.86 2.82
N PHE A 131 11.16 0.28 2.11
CA PHE A 131 9.93 0.76 1.50
C PHE A 131 10.26 1.74 0.37
N LEU A 132 9.26 2.01 -0.47
CA LEU A 132 9.42 2.87 -1.63
C LEU A 132 8.12 3.62 -1.88
N VAL A 133 8.18 4.95 -1.92
CA VAL A 133 7.02 5.74 -2.25
C VAL A 133 6.75 5.58 -3.75
N LEU A 134 5.57 5.02 -4.08
CA LEU A 134 5.16 4.84 -5.46
C LEU A 134 4.58 6.13 -6.03
N GLY A 135 3.87 6.89 -5.20
CA GLY A 135 3.30 8.16 -5.62
C GLY A 135 2.56 8.86 -4.49
N MET A 136 2.28 10.15 -4.66
CA MET A 136 1.38 10.84 -3.77
C MET A 136 0.58 11.90 -4.52
N ARG A 137 -0.62 12.16 -4.00
CA ARG A 137 -1.47 13.24 -4.43
C ARG A 137 -1.83 14.03 -3.17
N VAL A 138 -1.41 15.30 -3.11
CA VAL A 138 -1.54 16.10 -1.91
C VAL A 138 -2.36 17.35 -2.23
N TYR A 139 -3.50 17.49 -1.55
CA TYR A 139 -4.34 18.68 -1.69
C TYR A 139 -3.68 19.84 -0.96
N HIS A 140 -3.62 20.99 -1.64
CA HIS A 140 -3.07 22.21 -1.07
C HIS A 140 -4.21 23.21 -0.88
N VAL A 141 -4.40 23.66 0.36
CA VAL A 141 -5.55 24.48 0.74
C VAL A 141 -5.50 25.81 -0.01
N HIS A 142 -4.35 26.50 0.07
CA HIS A 142 -4.25 27.90 -0.29
C HIS A 142 -4.24 28.08 -1.82
N SER A 143 -4.09 26.99 -2.57
CA SER A 143 -4.15 27.05 -4.03
C SER A 143 -5.36 26.27 -4.57
N ASP A 144 -6.08 25.57 -3.67
CA ASP A 144 -7.23 24.76 -4.06
C ASP A 144 -6.84 23.83 -5.21
N SER A 145 -5.75 23.09 -5.01
CA SER A 145 -5.17 22.28 -6.06
C SER A 145 -4.35 21.13 -5.48
N TYR A 146 -4.04 20.17 -6.36
CA TYR A 146 -3.31 18.97 -5.99
C TYR A 146 -1.90 19.02 -6.56
N GLU A 147 -0.91 18.63 -5.75
CA GLU A 147 0.42 18.31 -6.23
C GLU A 147 0.53 16.78 -6.32
N THR A 148 1.00 16.28 -7.48
CA THR A 148 1.15 14.86 -7.66
C THR A 148 2.62 14.53 -7.86
N GLU A 149 3.07 13.45 -7.22
CA GLU A 149 4.40 12.89 -7.45
C GLU A 149 4.24 11.50 -8.05
N ASN A 150 5.08 11.17 -9.03
CA ASN A 150 5.02 9.89 -9.73
C ASN A 150 6.10 8.96 -9.17
N GLN A 151 6.31 7.82 -9.83
CA GLN A 151 7.19 6.77 -9.33
C GLN A 151 8.64 7.23 -9.30
N HIS A 152 9.00 8.22 -10.14
CA HIS A 152 10.36 8.72 -10.18
C HIS A 152 10.70 9.51 -8.92
N TYR A 153 9.70 10.07 -8.25
CA TYR A 153 9.91 10.81 -7.02
C TYR A 153 10.48 9.89 -5.95
N GLY A 154 9.73 8.83 -5.61
CA GLY A 154 10.13 7.90 -4.58
C GLY A 154 11.41 7.16 -4.92
N ARG A 155 11.59 6.83 -6.20
CA ARG A 155 12.77 6.12 -6.66
C ARG A 155 14.04 6.98 -6.59
N SER A 156 13.87 8.29 -6.40
N SER A 156 13.86 8.30 -6.41
CA SER A 156 15.00 9.21 -6.31
CA SER A 156 14.98 9.23 -6.30
C SER A 156 15.40 9.48 -4.86
C SER A 156 15.46 9.35 -4.86
N LEU A 157 14.61 8.96 -3.90
CA LEU A 157 14.89 9.18 -2.49
C LEU A 157 15.98 8.23 -2.01
N THR A 158 16.85 8.78 -1.16
CA THR A 158 17.97 8.07 -0.55
C THR A 158 17.81 8.11 0.96
N LYS A 159 18.76 7.51 1.68
CA LYS A 159 18.75 7.49 3.13
C LYS A 159 18.72 8.93 3.66
N GLU A 160 19.38 9.84 2.94
CA GLU A 160 19.55 11.22 3.38
C GLU A 160 18.27 12.04 3.20
N THR A 161 17.41 11.64 2.25
CA THR A 161 16.28 12.47 1.84
C THR A 161 14.94 11.78 2.08
N ILE A 162 14.93 10.58 2.69
CA ILE A 162 13.69 9.82 2.80
C ILE A 162 12.75 10.50 3.81
N LYS A 163 13.30 11.09 4.88
CA LYS A 163 12.45 11.71 5.89
C LYS A 163 11.68 12.88 5.26
N ASP A 164 12.40 13.76 4.57
CA ASP A 164 11.77 14.90 3.91
C ASP A 164 10.88 14.43 2.75
N GLY A 165 11.28 13.34 2.08
CA GLY A 165 10.53 12.81 0.97
C GLY A 165 9.13 12.37 1.39
N VAL A 166 9.05 11.72 2.56
CA VAL A 166 7.80 11.27 3.13
C VAL A 166 7.01 12.46 3.69
N SER A 167 7.70 13.42 4.32
N SER A 167 7.71 13.38 4.37
CA SER A 167 7.04 14.52 5.01
CA SER A 167 7.11 14.55 4.99
C SER A 167 6.30 15.43 4.03
C SER A 167 6.21 15.28 3.99
N ARG A 168 6.67 15.38 2.74
CA ARG A 168 5.98 16.14 1.70
C ARG A 168 4.50 15.77 1.64
N PHE A 169 4.18 14.48 1.86
CA PHE A 169 2.81 13.99 1.82
C PHE A 169 1.91 14.72 2.82
N PHE A 170 2.50 15.17 3.94
CA PHE A 170 1.76 15.68 5.07
C PHE A 170 1.80 17.22 5.13
N HIS A 171 2.15 17.87 4.02
CA HIS A 171 2.20 19.32 3.96
C HIS A 171 1.03 19.83 3.12
N ASN A 172 0.18 20.66 3.73
CA ASN A 172 -0.96 21.27 3.06
C ASN A 172 -0.59 22.64 2.49
N GLY A 173 0.62 23.12 2.80
CA GLY A 173 1.09 24.41 2.33
C GLY A 173 0.91 25.52 3.37
N TYR A 174 0.68 25.12 4.64
CA TYR A 174 0.65 26.07 5.75
C TYR A 174 1.16 25.39 7.02
N CYS A 175 0.78 24.12 7.23
CA CYS A 175 1.30 23.36 8.36
C CYS A 175 1.67 21.94 7.94
N LEU A 176 2.51 21.31 8.77
CA LEU A 176 2.75 19.88 8.73
C LEU A 176 1.63 19.20 9.52
N ARG A 177 0.93 18.25 8.87
CA ARG A 177 -0.22 17.58 9.45
C ARG A 177 0.27 16.46 10.37
N LYS A 178 0.74 16.85 11.56
CA LYS A 178 1.25 15.88 12.52
C LYS A 178 0.13 14.99 13.04
N ASP A 179 -1.12 15.46 12.99
CA ASP A 179 -2.26 14.62 13.35
C ASP A 179 -2.31 13.38 12.44
N ALA A 180 -2.17 13.61 11.13
CA ALA A 180 -2.24 12.53 10.16
C ALA A 180 -1.02 11.63 10.28
N VAL A 181 0.14 12.23 10.60
CA VAL A 181 1.37 11.46 10.79
C VAL A 181 1.19 10.52 11.99
N ALA A 182 0.71 11.05 13.12
CA ALA A 182 0.53 10.27 14.33
C ALA A 182 -0.49 9.16 14.10
N ALA A 183 -1.61 9.50 13.44
CA ALA A 183 -2.66 8.53 13.16
C ALA A 183 -2.12 7.41 12.26
N SER A 184 -1.26 7.78 11.30
CA SER A 184 -0.66 6.82 10.38
C SER A 184 0.22 5.82 11.13
N ILE A 185 1.01 6.32 12.09
CA ILE A 185 1.83 5.45 12.91
C ILE A 185 0.94 4.42 13.62
N GLN A 186 -0.17 4.92 14.21
CA GLN A 186 -1.04 4.08 15.04
C GLN A 186 -1.72 2.98 14.19
N LYS A 187 -2.09 3.31 12.96
CA LYS A 187 -2.74 2.32 12.09
C LYS A 187 -1.71 1.36 11.51
N ILE A 188 -0.52 1.85 11.15
CA ILE A 188 0.56 0.96 10.71
C ILE A 188 0.90 -0.02 11.84
N GLU A 189 0.90 0.45 13.09
CA GLU A 189 1.25 -0.38 14.23
C GLU A 189 0.34 -1.61 14.29
N LYS A 190 -0.94 -1.44 13.96
CA LYS A 190 -1.89 -2.54 14.05
C LYS A 190 -1.60 -3.56 12.94
N ILE A 191 -1.19 -3.07 11.78
CA ILE A 191 -0.83 -3.94 10.66
C ILE A 191 0.45 -4.70 11.03
N LEU A 192 1.41 -4.01 11.66
CA LEU A 192 2.63 -4.62 12.14
C LEU A 192 2.30 -5.73 13.14
N GLN A 193 1.34 -5.47 14.03
CA GLN A 193 0.94 -6.46 15.03
C GLN A 193 0.37 -7.70 14.36
N TRP A 194 -0.41 -7.51 13.29
CA TRP A 194 -0.93 -8.62 12.53
C TRP A 194 0.22 -9.47 11.98
N PHE A 195 1.22 -8.81 11.37
CA PHE A 195 2.34 -9.50 10.73
C PHE A 195 3.17 -10.28 11.75
N GLU A 196 3.21 -9.78 12.99
CA GLU A 196 3.99 -10.42 14.04
C GLU A 196 3.23 -11.57 14.69
N ASN A 197 1.99 -11.81 14.23
CA ASN A 197 1.16 -12.88 14.76
C ASN A 197 0.72 -13.81 13.63
N GLN A 198 1.49 -13.86 12.54
CA GLN A 198 1.21 -14.77 11.44
C GLN A 198 2.53 -15.21 10.81
N LYS A 199 2.61 -16.50 10.44
CA LYS A 199 3.73 -17.05 9.70
C LYS A 199 3.21 -17.97 8.59
N GLN A 200 2.27 -17.45 7.79
CA GLN A 200 1.62 -18.25 6.76
C GLN A 200 1.58 -17.53 5.41
N LEU A 201 1.89 -16.22 5.40
CA LEU A 201 1.91 -15.44 4.17
C LEU A 201 3.12 -14.51 4.16
N ASN A 202 3.80 -14.45 3.01
CA ASN A 202 4.83 -13.46 2.75
C ASN A 202 4.41 -12.62 1.55
N PHE A 203 4.64 -11.30 1.65
CA PHE A 203 4.10 -10.30 0.75
C PHE A 203 5.23 -9.55 0.06
N TYR A 204 5.30 -9.69 -1.27
CA TYR A 204 6.32 -9.01 -2.06
C TYR A 204 5.64 -8.04 -3.03
N ALA A 205 6.26 -6.87 -3.21
CA ALA A 205 5.78 -5.82 -4.10
C ALA A 205 4.34 -5.42 -3.77
N SER A 206 3.94 -5.55 -2.51
N SER A 206 3.99 -5.51 -2.49
CA SER A 206 2.65 -5.06 -2.06
CA SER A 206 2.69 -5.09 -1.98
C SER A 206 2.86 -3.71 -1.38
C SER A 206 2.86 -3.72 -1.32
N SER A 207 1.74 -2.98 -1.21
CA SER A 207 1.79 -1.59 -0.78
C SER A 207 0.85 -1.30 0.39
N LEU A 208 1.13 -0.16 1.02
CA LEU A 208 0.18 0.51 1.89
C LEU A 208 -0.36 1.73 1.18
N LEU A 209 -1.69 1.88 1.23
CA LEU A 209 -2.34 3.09 0.76
C LEU A 209 -2.70 3.96 1.96
N PHE A 210 -2.10 5.14 2.01
CA PHE A 210 -2.39 6.14 3.03
C PHE A 210 -3.37 7.16 2.47
N VAL A 211 -4.40 7.48 3.26
CA VAL A 211 -5.32 8.54 2.91
C VAL A 211 -5.57 9.38 4.15
N TYR A 212 -5.58 10.70 3.99
CA TYR A 212 -6.08 11.61 5.00
C TYR A 212 -6.89 12.73 4.35
N GLU A 213 -7.60 13.49 5.18
CA GLU A 213 -8.50 14.52 4.72
C GLU A 213 -7.73 15.83 4.54
N GLY A 214 -7.69 16.33 3.29
CA GLY A 214 -6.95 17.53 2.95
C GLY A 214 -7.76 18.82 3.06
N SER A 215 -9.10 18.72 3.10
CA SER A 215 -9.95 19.90 3.07
C SER A 215 -9.86 20.65 4.40
N GLY A 221 -9.32 15.75 11.09
CA GLY A 221 -8.47 15.83 12.30
C GLY A 221 -8.14 14.44 12.85
N GLY A 222 -6.95 13.94 12.52
CA GLY A 222 -6.52 12.60 12.91
C GLY A 222 -7.29 11.50 12.17
N GLU A 223 -7.92 11.88 11.04
CA GLU A 223 -8.83 11.03 10.28
C GLU A 223 -8.08 10.45 9.07
N VAL A 224 -7.76 9.14 9.14
CA VAL A 224 -6.78 8.54 8.25
C VAL A 224 -7.22 7.13 7.86
N GLU A 225 -6.87 6.73 6.64
CA GLU A 225 -6.91 5.33 6.24
C GLU A 225 -5.49 4.86 5.94
N VAL A 226 -5.19 3.68 6.42
CA VAL A 226 -3.95 3.01 6.06
C VAL A 226 -4.38 1.56 5.71
N ARG A 227 -4.32 1.22 4.42
CA ARG A 227 -4.74 -0.08 3.97
C ARG A 227 -3.73 -0.81 3.07
N MET A 228 -3.68 -2.12 3.22
CA MET A 228 -2.83 -2.95 2.39
C MET A 228 -3.49 -3.20 1.02
N ILE A 229 -2.72 -3.04 -0.03
CA ILE A 229 -3.19 -3.27 -1.40
C ILE A 229 -2.12 -3.97 -2.23
N ASP A 230 -2.55 -4.53 -3.38
CA ASP A 230 -1.70 -5.00 -4.47
C ASP A 230 -1.03 -6.33 -4.11
N PHE A 231 -1.71 -7.43 -4.47
CA PHE A 231 -1.40 -8.73 -3.91
C PHE A 231 -1.06 -9.75 -5.01
N ALA A 232 -0.35 -9.30 -6.04
CA ALA A 232 0.05 -10.15 -7.15
C ALA A 232 1.23 -11.05 -6.77
N HIS A 233 1.92 -10.75 -5.65
CA HIS A 233 3.07 -11.55 -5.22
C HIS A 233 3.00 -11.88 -3.73
N VAL A 234 1.88 -12.48 -3.31
CA VAL A 234 1.72 -12.97 -1.96
C VAL A 234 1.83 -14.50 -1.99
N PHE A 235 2.70 -15.06 -1.16
CA PHE A 235 3.00 -16.48 -1.24
C PHE A 235 2.80 -17.15 0.12
N PRO A 236 2.48 -18.46 0.15
CA PRO A 236 2.44 -19.21 1.40
C PRO A 236 3.84 -19.23 2.01
N SER A 237 3.90 -19.25 3.34
CA SER A 237 5.18 -19.17 4.04
C SER A 237 5.14 -20.02 5.31
N ASN A 238 6.33 -20.28 5.86
CA ASN A 238 6.50 -20.95 7.14
C ASN A 238 7.08 -19.98 8.17
N THR A 239 7.39 -18.76 7.74
CA THR A 239 8.19 -17.84 8.55
C THR A 239 7.52 -16.48 8.66
N ILE A 240 8.01 -15.68 9.62
CA ILE A 240 7.70 -14.26 9.70
C ILE A 240 8.10 -13.60 8.38
N ASP A 241 7.28 -12.65 7.91
CA ASP A 241 7.64 -11.86 6.76
C ASP A 241 8.61 -10.77 7.22
N GLU A 242 9.89 -11.14 7.36
CA GLU A 242 10.89 -10.31 8.01
C GLU A 242 11.10 -9.01 7.22
N GLY A 243 11.06 -9.10 5.89
CA GLY A 243 11.27 -7.94 5.03
C GLY A 243 10.15 -6.91 5.20
N TYR A 244 8.92 -7.41 5.31
CA TYR A 244 7.76 -6.54 5.44
C TYR A 244 7.81 -5.86 6.81
N VAL A 245 8.14 -6.64 7.85
CA VAL A 245 8.22 -6.10 9.20
C VAL A 245 9.29 -5.01 9.25
N TYR A 246 10.46 -5.27 8.65
CA TYR A 246 11.54 -4.29 8.62
C TYR A 246 11.04 -2.98 8.01
N GLY A 247 10.32 -3.10 6.89
CA GLY A 247 9.77 -1.95 6.17
C GLY A 247 8.79 -1.13 7.01
N LEU A 248 7.86 -1.82 7.68
CA LEU A 248 6.89 -1.19 8.54
C LEU A 248 7.61 -0.46 9.67
N LYS A 249 8.57 -1.14 10.31
CA LYS A 249 9.32 -0.59 11.42
C LYS A 249 10.08 0.66 10.98
N HIS A 250 10.72 0.62 9.81
CA HIS A 250 11.49 1.75 9.34
C HIS A 250 10.55 2.90 9.00
N LEU A 251 9.42 2.60 8.36
CA LEU A 251 8.43 3.61 8.00
C LEU A 251 7.89 4.29 9.27
N ILE A 252 7.55 3.49 10.29
CA ILE A 252 7.11 4.03 11.57
C ILE A 252 8.20 4.93 12.15
N SER A 253 9.47 4.52 12.03
CA SER A 253 10.58 5.30 12.59
C SER A 253 10.70 6.64 11.88
N VAL A 254 10.53 6.65 10.55
CA VAL A 254 10.60 7.87 9.77
C VAL A 254 9.45 8.79 10.19
N LEU A 255 8.24 8.24 10.23
CA LEU A 255 7.05 9.00 10.63
C LEU A 255 7.23 9.56 12.04
N ARG A 256 7.82 8.75 12.94
CA ARG A 256 8.05 9.18 14.30
C ARG A 256 8.94 10.41 14.33
N SER A 257 10.03 10.38 13.55
N SER A 257 10.03 10.38 13.54
CA SER A 257 10.98 11.49 13.52
CA SER A 257 10.98 11.46 13.48
C SER A 257 10.29 12.75 13.01
C SER A 257 10.32 12.74 12.97
N ILE A 258 9.37 12.60 12.05
CA ILE A 258 8.64 13.73 11.47
C ILE A 258 7.82 14.46 12.55
N LEU A 259 7.36 13.72 13.56
CA LEU A 259 6.60 14.31 14.65
C LEU A 259 7.43 15.30 15.47
N ASP A 260 8.77 15.29 15.29
CA ASP A 260 9.65 16.20 16.01
C ASP A 260 10.03 17.41 15.16
N ASN A 261 9.44 17.56 13.97
CA ASN A 261 9.77 18.66 13.07
C ASN A 261 9.39 20.00 13.71
N1 YJ3 B . -9.01 2.15 -3.00
C2 YJ3 B . -8.18 1.27 -3.56
C3 YJ3 B . -7.31 1.91 -4.36
C4 YJ3 B . -6.37 1.17 -5.03
N5 YJ3 B . -4.19 -2.70 -6.19
C6 YJ3 B . -7.23 -0.84 -4.06
C8 YJ3 B . -7.10 4.34 -4.85
C9 YJ3 B . -7.99 5.39 -5.15
C10 YJ3 B . -7.55 6.59 -5.72
C11 YJ3 B . -6.21 6.76 -6.03
C16 YJ3 B . -1.49 6.94 -8.35
C17 YJ3 B . -1.13 5.99 -6.14
C19 YJ3 B . -2.90 7.08 -7.84
C18 YJ3 B . -2.05 5.00 -6.78
N6 YJ3 B . -0.63 6.91 -7.16
C15 YJ3 B . -3.30 5.72 -7.22
O2 YJ3 B . -4.00 5.94 -5.99
C12 YJ3 B . -5.31 5.72 -5.75
C13 YJ3 B . -5.74 4.53 -5.15
C7 YJ3 B . -7.62 3.23 -4.27
O1 YJ3 B . -8.66 3.37 -3.43
C1 YJ3 B . -8.16 -0.06 -3.40
C5 YJ3 B . -6.31 -0.23 -4.90
C14 YJ3 B . -5.38 -0.99 -5.54
N3 YJ3 B . -4.41 -0.53 -6.34
N4 YJ3 B . -3.68 -1.57 -6.74
N2 YJ3 B . -5.24 -2.33 -5.45
#